data_8B5M
#
_entry.id   8B5M
#
_cell.length_a   144.134
_cell.length_b   144.134
_cell.length_c   50.320
_cell.angle_alpha   90.000
_cell.angle_beta   90.000
_cell.angle_gamma   120.000
#
_symmetry.space_group_name_H-M   'H 3'
#
loop_
_entity.id
_entity.type
_entity.pdbx_description
1 polymer 'Mannosyl-oligosaccharide 1,2-alpha-mannosidase'
2 non-polymer (3aR,4S,5S,6R,7R,7aS)-7-(hydroxymethyl)-2,2-bis(oxidanylidene)-3a,4,5,6,7,7a-hexahydro-3H-benzo[d][1,2,3]oxathiazole-4,5,6-triol
3 non-polymer 'SODIUM ION'
4 non-polymer 'CALCIUM ION'
5 water water
#
_entity_poly.entity_id   1
_entity_poly.type   'polypeptide(L)'
_entity_poly.pdbx_seq_one_letter_code
;MASETTPEDWKALAADVRSEFQWAWQGYVAKAWGKDEINPVSGTSRSFFIEGHDLGLSLVEALDTLWIMGLDAEFQAGVD
WVKANLSFDVDGNAQVFETNIRLVGGLLSAHLASGDPVLLAKARDLADRLAKAFEASPHGLPWRYVNLRTGAVSDPETNL
AEIGTYLSEFGVLSQLTGERKYFDMAKRAMRHTLDRRSKIGLMAANIHAMTGAFTSRNASIDVYADSFYEYLWDAWALFG
DEDCKRWAVECVDAQLAHQAKRYDGRLWFPMVDFETGAVTGTAQSESAAYYAGLLGQVGRKAQGDDYLASFTYLQATFGV
IPESIDVTTGQPRRKHTGLRPEYPDACLNLWLIDRDPRYRRLAAIHYREMKATSRAAFGYTALKDITTRPMTQDDNCPGY
WWSEQMKYYYLLFSDTPRIDYGQLQLSTEANVLRGFRKVLEHHHHHH
;
_entity_poly.pdbx_strand_id   A
#
# COMPACT_ATOMS: atom_id res chain seq x y z
N THR A 5 28.15 23.65 -2.51
CA THR A 5 27.22 22.57 -2.06
C THR A 5 27.74 21.22 -2.55
N THR A 6 27.78 20.22 -1.68
CA THR A 6 28.18 18.85 -2.09
C THR A 6 26.92 18.21 -2.72
N PRO A 7 26.92 17.85 -4.01
CA PRO A 7 25.81 17.11 -4.61
C PRO A 7 25.59 15.81 -3.81
N GLU A 8 24.30 15.46 -3.61
CA GLU A 8 24.02 14.22 -2.85
C GLU A 8 24.67 13.02 -3.54
N ASP A 9 25.32 12.19 -2.79
CA ASP A 9 25.84 10.90 -3.28
C ASP A 9 24.70 9.88 -3.13
N TRP A 10 23.96 9.65 -4.20
CA TRP A 10 22.75 8.81 -4.10
C TRP A 10 23.14 7.37 -3.83
N LYS A 11 24.26 6.89 -4.37
CA LYS A 11 24.68 5.50 -4.11
C LYS A 11 25.02 5.30 -2.65
N ALA A 12 25.65 6.28 -2.03
CA ALA A 12 25.94 6.19 -0.59
C ALA A 12 24.64 6.21 0.22
N LEU A 13 23.70 7.03 -0.20
CA LEU A 13 22.43 7.07 0.54
C LEU A 13 21.72 5.73 0.39
N ALA A 14 21.72 5.14 -0.79
CA ALA A 14 21.11 3.80 -0.98
C ALA A 14 21.80 2.79 -0.08
N ALA A 15 23.12 2.85 0.03
CA ALA A 15 23.84 1.86 0.88
C ALA A 15 23.42 2.09 2.33
N ASP A 16 23.16 3.32 2.75
CA ASP A 16 22.68 3.59 4.13
C ASP A 16 21.29 2.99 4.33
N VAL A 17 20.40 3.16 3.37
CA VAL A 17 19.07 2.54 3.45
C VAL A 17 19.22 1.03 3.63
N ARG A 18 20.03 0.41 2.80
CA ARG A 18 20.27 -1.05 2.90
C ARG A 18 20.80 -1.44 4.26
N SER A 19 21.78 -0.71 4.76
CA SER A 19 22.39 -0.98 6.08
CA SER A 19 22.37 -1.07 6.07
C SER A 19 21.33 -0.90 7.18
N GLU A 20 20.51 0.14 7.11
CA GLU A 20 19.44 0.30 8.12
C GLU A 20 18.43 -0.83 7.99
N PHE A 21 18.08 -1.22 6.79
CA PHE A 21 17.11 -2.31 6.60
C PHE A 21 17.67 -3.62 7.16
N GLN A 22 18.94 -3.91 6.87
CA GLN A 22 19.58 -5.12 7.39
C GLN A 22 19.61 -5.08 8.93
N TRP A 23 19.93 -3.92 9.49
CA TRP A 23 19.93 -3.77 10.94
C TRP A 23 18.54 -4.03 11.52
N ALA A 24 17.52 -3.46 10.89
CA ALA A 24 16.13 -3.72 11.34
C ALA A 24 15.81 -5.20 11.26
N TRP A 25 16.19 -5.84 10.15
CA TRP A 25 15.95 -7.30 9.98
C TRP A 25 16.60 -8.06 11.10
N GLN A 26 17.83 -7.71 11.48
CA GLN A 26 18.50 -8.38 12.60
C GLN A 26 17.66 -8.24 13.87
N GLY A 27 17.07 -7.08 14.12
CA GLY A 27 16.19 -6.93 15.28
C GLY A 27 14.98 -7.84 15.18
N TYR A 28 14.37 -7.93 14.01
CA TYR A 28 13.24 -8.85 13.80
C TYR A 28 13.66 -10.29 14.11
N VAL A 29 14.79 -10.74 13.59
CA VAL A 29 15.27 -12.11 13.84
C VAL A 29 15.46 -12.30 15.33
N ALA A 30 16.00 -11.31 16.02
CA ALA A 30 16.35 -11.46 17.45
C ALA A 30 15.10 -11.46 18.32
N LYS A 31 14.07 -10.67 17.99
CA LYS A 31 12.97 -10.38 18.92
C LYS A 31 11.64 -10.92 18.45
N ALA A 32 11.47 -11.22 17.16
CA ALA A 32 10.13 -11.44 16.60
C ALA A 32 10.15 -12.51 15.53
N TRP A 33 11.07 -13.47 15.56
CA TRP A 33 11.24 -14.42 14.45
CA TRP A 33 11.23 -14.38 14.41
C TRP A 33 9.96 -15.22 14.23
N GLY A 34 9.43 -15.21 13.03
CA GLY A 34 8.18 -15.94 12.72
C GLY A 34 6.92 -15.23 13.16
N LYS A 35 7.06 -14.07 13.80
CA LYS A 35 5.91 -13.36 14.36
C LYS A 35 5.47 -12.26 13.41
N ASP A 36 4.28 -11.70 13.66
CA ASP A 36 3.75 -10.79 12.64
C ASP A 36 4.46 -9.44 12.62
N GLU A 37 4.62 -8.80 13.77
CA GLU A 37 5.27 -7.48 13.80
C GLU A 37 6.20 -7.41 14.99
N ILE A 38 7.26 -6.67 14.85
CA ILE A 38 8.13 -6.30 15.98
C ILE A 38 7.63 -5.00 16.58
N ASN A 39 7.75 -4.96 17.91
CA ASN A 39 7.59 -3.76 18.76
C ASN A 39 9.01 -3.36 19.15
N PRO A 40 9.63 -2.42 18.41
CA PRO A 40 11.08 -2.26 18.49
C PRO A 40 11.59 -1.40 19.65
N VAL A 41 10.68 -0.84 20.42
CA VAL A 41 11.06 -0.09 21.66
C VAL A 41 11.16 -1.09 22.81
N SER A 42 10.15 -1.91 23.00
CA SER A 42 10.19 -2.96 24.04
C SER A 42 11.03 -4.15 23.60
N GLY A 43 11.22 -4.36 22.30
CA GLY A 43 11.87 -5.59 21.84
C GLY A 43 11.00 -6.83 22.00
N THR A 44 9.74 -6.70 21.62
CA THR A 44 8.80 -7.82 21.69
C THR A 44 8.10 -7.96 20.33
N SER A 45 7.18 -8.87 20.21
CA SER A 45 6.40 -9.07 19.00
C SER A 45 4.93 -8.94 19.26
N ARG A 46 4.15 -8.70 18.22
CA ARG A 46 2.69 -8.73 18.31
C ARG A 46 2.14 -9.49 17.10
N SER A 47 0.92 -9.98 17.26
CA SER A 47 0.13 -10.58 16.21
C SER A 47 -0.57 -9.49 15.38
N PHE A 48 -0.86 -9.81 14.12
CA PHE A 48 -1.62 -8.87 13.26
C PHE A 48 -2.95 -9.50 12.85
N PHE A 49 -2.99 -10.65 12.18
CA PHE A 49 -4.27 -11.16 11.64
C PHE A 49 -5.08 -11.83 12.73
N ILE A 50 -4.50 -12.74 13.44
CA ILE A 50 -5.20 -13.62 14.41
C ILE A 50 -4.36 -13.59 15.68
N GLU A 51 -4.95 -13.08 16.77
CA GLU A 51 -4.20 -12.95 18.03
C GLU A 51 -3.67 -14.32 18.46
N GLY A 52 -2.38 -14.40 18.70
CA GLY A 52 -1.75 -15.65 19.14
C GLY A 52 -1.48 -16.66 18.05
N HIS A 53 -1.86 -16.36 16.80
CA HIS A 53 -1.59 -17.28 15.67
CA HIS A 53 -1.65 -17.26 15.64
C HIS A 53 -0.93 -16.46 14.56
N ASP A 54 0.30 -16.09 14.81
CA ASP A 54 1.02 -15.24 13.86
C ASP A 54 1.28 -16.04 12.59
N LEU A 55 1.50 -15.31 11.52
CA LEU A 55 1.70 -15.83 10.15
C LEU A 55 3.00 -15.22 9.55
N GLY A 56 3.95 -14.86 10.38
CA GLY A 56 5.21 -14.33 9.86
C GLY A 56 5.01 -13.09 9.01
N LEU A 57 4.06 -12.23 9.35
CA LEU A 57 3.69 -11.13 8.44
C LEU A 57 4.90 -10.32 7.99
N SER A 58 5.65 -9.75 8.93
CA SER A 58 6.69 -8.79 8.52
C SER A 58 7.79 -9.49 7.73
N LEU A 59 8.07 -10.74 8.08
CA LEU A 59 9.04 -11.56 7.33
C LEU A 59 8.59 -11.65 5.88
N VAL A 60 7.32 -12.00 5.66
CA VAL A 60 6.78 -12.13 4.29
C VAL A 60 6.81 -10.80 3.57
N GLU A 61 6.41 -9.73 4.25
CA GLU A 61 6.40 -8.40 3.63
C GLU A 61 7.80 -7.98 3.22
N ALA A 62 8.80 -8.34 3.98
CA ALA A 62 10.19 -7.93 3.73
C ALA A 62 10.84 -8.63 2.55
N LEU A 63 10.33 -9.79 2.15
CA LEU A 63 11.14 -10.65 1.28
C LEU A 63 11.57 -9.93 0.00
N ASP A 64 10.66 -9.37 -0.77
CA ASP A 64 11.12 -8.79 -2.03
C ASP A 64 12.05 -7.61 -1.79
N THR A 65 11.86 -6.84 -0.73
CA THR A 65 12.79 -5.76 -0.40
C THR A 65 14.21 -6.31 -0.18
N LEU A 66 14.30 -7.39 0.60
CA LEU A 66 15.59 -8.01 0.89
C LEU A 66 16.28 -8.39 -0.43
N TRP A 67 15.54 -9.05 -1.31
CA TRP A 67 16.14 -9.50 -2.58
C TRP A 67 16.61 -8.31 -3.41
N ILE A 68 15.75 -7.30 -3.51
CA ILE A 68 16.11 -6.11 -4.34
C ILE A 68 17.38 -5.46 -3.82
N MET A 69 17.57 -5.44 -2.52
CA MET A 69 18.75 -4.84 -1.89
C MET A 69 19.97 -5.74 -1.97
N GLY A 70 19.86 -6.96 -2.48
CA GLY A 70 21.01 -7.86 -2.47
C GLY A 70 21.31 -8.35 -1.11
N LEU A 71 20.34 -8.41 -0.22
CA LEU A 71 20.49 -9.04 1.12
C LEU A 71 20.10 -10.50 0.94
N ASP A 72 20.91 -11.24 0.20
CA ASP A 72 20.52 -12.58 -0.26
C ASP A 72 20.43 -13.57 0.87
N ALA A 73 21.36 -13.55 1.79
CA ALA A 73 21.34 -14.52 2.89
C ALA A 73 20.09 -14.30 3.72
N GLU A 74 19.72 -13.05 3.95
CA GLU A 74 18.54 -12.70 4.75
C GLU A 74 17.29 -13.14 3.98
N PHE A 75 17.22 -12.81 2.68
CA PHE A 75 16.11 -13.25 1.83
C PHE A 75 15.92 -14.76 1.93
N GLN A 76 17.02 -15.50 1.76
CA GLN A 76 16.90 -16.96 1.76
C GLN A 76 16.50 -17.48 3.12
N ALA A 77 16.97 -16.88 4.19
CA ALA A 77 16.53 -17.28 5.55
C ALA A 77 15.02 -17.10 5.68
N GLY A 78 14.51 -15.99 5.15
CA GLY A 78 13.06 -15.78 5.20
C GLY A 78 12.29 -16.77 4.33
N VAL A 79 12.76 -16.96 3.11
CA VAL A 79 12.08 -17.93 2.20
C VAL A 79 12.09 -19.31 2.84
N ASP A 80 13.23 -19.71 3.41
CA ASP A 80 13.32 -21.07 3.99
C ASP A 80 12.38 -21.18 5.19
N TRP A 81 12.22 -20.12 5.98
CA TRP A 81 11.22 -20.16 7.07
C TRP A 81 9.84 -20.35 6.50
N VAL A 82 9.48 -19.60 5.45
CA VAL A 82 8.15 -19.74 4.85
C VAL A 82 7.93 -21.18 4.43
N LYS A 83 8.90 -21.73 3.72
CA LYS A 83 8.73 -23.08 3.12
C LYS A 83 8.55 -24.11 4.22
N ALA A 84 9.25 -24.00 5.34
CA ALA A 84 9.16 -24.99 6.42
C ALA A 84 7.91 -24.77 7.27
N ASN A 85 7.46 -23.53 7.46
CA ASN A 85 6.58 -23.17 8.58
C ASN A 85 5.26 -22.54 8.21
N LEU A 86 5.11 -21.88 7.07
CA LEU A 86 3.93 -21.02 6.89
C LEU A 86 2.80 -21.85 6.31
N SER A 87 1.66 -21.84 6.97
CA SER A 87 0.48 -22.44 6.32
CA SER A 87 0.43 -22.64 6.73
C SER A 87 -0.75 -21.70 6.89
N PHE A 88 -1.79 -21.85 6.10
CA PHE A 88 -3.01 -21.04 6.28
C PHE A 88 -4.23 -21.86 6.65
N ASP A 89 -4.03 -23.11 7.04
CA ASP A 89 -5.16 -23.95 7.51
C ASP A 89 -5.38 -23.63 8.97
N VAL A 90 -5.99 -22.49 9.23
CA VAL A 90 -6.10 -21.92 10.58
C VAL A 90 -7.55 -21.60 10.88
N ASP A 91 -8.06 -22.13 11.98
CA ASP A 91 -9.46 -21.86 12.38
C ASP A 91 -9.52 -20.50 13.06
N GLY A 92 -9.49 -19.43 12.24
CA GLY A 92 -9.55 -18.05 12.70
C GLY A 92 -9.88 -17.10 11.57
N ASN A 93 -10.37 -15.95 11.92
CA ASN A 93 -10.81 -14.96 10.94
C ASN A 93 -9.65 -14.08 10.51
N ALA A 94 -9.56 -13.87 9.22
CA ALA A 94 -8.57 -12.98 8.59
C ALA A 94 -9.29 -11.94 7.77
N GLN A 95 -8.83 -10.72 7.82
CA GLN A 95 -9.39 -9.65 7.02
C GLN A 95 -8.93 -9.83 5.58
N VAL A 96 -9.84 -10.01 4.67
CA VAL A 96 -9.56 -10.43 3.27
C VAL A 96 -8.61 -9.43 2.60
N PHE A 97 -8.88 -8.14 2.74
CA PHE A 97 -8.07 -7.11 2.08
C PHE A 97 -6.63 -7.18 2.57
N GLU A 98 -6.45 -7.20 3.89
CA GLU A 98 -5.09 -7.15 4.44
C GLU A 98 -4.35 -8.41 4.03
N THR A 99 -5.04 -9.54 4.10
CA THR A 99 -4.42 -10.82 3.79
C THR A 99 -3.93 -10.84 2.35
N ASN A 100 -4.76 -10.37 1.42
CA ASN A 100 -4.35 -10.32 0.01
C ASN A 100 -3.15 -9.40 -0.19
N ILE A 101 -3.26 -8.14 0.23
CA ILE A 101 -2.22 -7.19 -0.20
C ILE A 101 -0.91 -7.51 0.49
N ARG A 102 -0.94 -8.04 1.70
CA ARG A 102 0.30 -8.27 2.49
C ARG A 102 0.84 -9.70 2.22
N LEU A 103 0.02 -10.72 2.37
CA LEU A 103 0.53 -12.11 2.32
C LEU A 103 0.48 -12.66 0.92
N VAL A 104 -0.66 -12.59 0.22
CA VAL A 104 -0.68 -13.07 -1.17
C VAL A 104 0.37 -12.28 -1.97
N GLY A 105 0.29 -10.95 -1.86
CA GLY A 105 1.22 -10.13 -2.66
C GLY A 105 2.67 -10.30 -2.23
N GLY A 106 2.94 -10.49 -0.94
CA GLY A 106 4.33 -10.66 -0.47
C GLY A 106 4.92 -11.98 -0.92
N LEU A 107 4.09 -13.03 -0.94
CA LEU A 107 4.55 -14.31 -1.47
C LEU A 107 4.73 -14.25 -2.98
N LEU A 108 3.88 -13.54 -3.69
CA LEU A 108 4.03 -13.44 -5.14
C LEU A 108 5.29 -12.71 -5.52
N SER A 109 5.61 -11.58 -4.87
CA SER A 109 6.82 -10.86 -5.21
C SER A 109 8.03 -11.73 -4.89
N ALA A 110 8.02 -12.42 -3.77
CA ALA A 110 9.14 -13.33 -3.43
C ALA A 110 9.24 -14.46 -4.45
N HIS A 111 8.13 -14.98 -4.91
CA HIS A 111 8.13 -16.01 -5.96
C HIS A 111 8.72 -15.46 -7.25
N LEU A 112 8.34 -14.27 -7.67
CA LEU A 112 8.82 -13.72 -8.94
C LEU A 112 10.32 -13.45 -8.82
N ALA A 113 10.81 -13.04 -7.65
CA ALA A 113 12.25 -12.78 -7.49
C ALA A 113 13.07 -14.06 -7.58
N SER A 114 12.57 -15.11 -6.98
CA SER A 114 13.35 -16.32 -6.73
C SER A 114 13.05 -17.45 -7.70
N GLY A 115 11.88 -17.48 -8.28
CA GLY A 115 11.41 -18.63 -9.03
C GLY A 115 10.92 -19.77 -8.17
N ASP A 116 10.85 -19.67 -6.86
CA ASP A 116 10.63 -20.88 -6.04
C ASP A 116 9.16 -21.28 -6.12
N PRO A 117 8.82 -22.47 -6.65
CA PRO A 117 7.43 -22.89 -6.79
CA PRO A 117 7.41 -22.82 -6.80
C PRO A 117 6.63 -22.85 -5.49
N VAL A 118 7.30 -23.14 -4.37
CA VAL A 118 6.55 -23.26 -3.10
C VAL A 118 5.89 -21.93 -2.76
N LEU A 119 6.56 -20.83 -3.08
CA LEU A 119 5.99 -19.51 -2.75
C LEU A 119 4.72 -19.27 -3.54
N LEU A 120 4.70 -19.67 -4.80
CA LEU A 120 3.48 -19.59 -5.61
C LEU A 120 2.41 -20.53 -5.07
N ALA A 121 2.78 -21.77 -4.71
CA ALA A 121 1.79 -22.70 -4.17
C ALA A 121 1.10 -22.07 -2.95
N LYS A 122 1.88 -21.46 -2.07
CA LYS A 122 1.30 -20.88 -0.85
C LYS A 122 0.45 -19.65 -1.16
N ALA A 123 0.90 -18.79 -2.09
CA ALA A 123 0.07 -17.65 -2.49
C ALA A 123 -1.27 -18.11 -3.01
N ARG A 124 -1.24 -19.15 -3.85
CA ARG A 124 -2.45 -19.64 -4.46
C ARG A 124 -3.35 -20.31 -3.43
N ASP A 125 -2.78 -21.08 -2.53
CA ASP A 125 -3.57 -21.69 -1.43
C ASP A 125 -4.30 -20.58 -0.68
N LEU A 126 -3.60 -19.51 -0.34
CA LEU A 126 -4.22 -18.42 0.42
C LEU A 126 -5.30 -17.74 -0.40
N ALA A 127 -5.04 -17.47 -1.68
CA ALA A 127 -6.06 -16.86 -2.52
C ALA A 127 -7.31 -17.72 -2.59
N ASP A 128 -7.15 -19.03 -2.64
CA ASP A 128 -8.32 -19.92 -2.67
C ASP A 128 -9.13 -19.83 -1.37
N ARG A 129 -8.46 -19.61 -0.26
CA ARG A 129 -9.19 -19.39 1.01
C ARG A 129 -9.90 -18.05 0.98
N LEU A 130 -9.30 -17.02 0.42
CA LEU A 130 -9.95 -15.72 0.29
C LEU A 130 -11.11 -15.77 -0.69
N ALA A 131 -11.03 -16.60 -1.72
CA ALA A 131 -12.07 -16.66 -2.75
C ALA A 131 -13.43 -16.96 -2.11
N LYS A 132 -13.45 -17.69 -1.00
CA LYS A 132 -14.73 -18.03 -0.34
C LYS A 132 -15.44 -16.75 0.08
N ALA A 133 -14.74 -15.66 0.38
CA ALA A 133 -15.40 -14.41 0.76
C ALA A 133 -16.14 -13.79 -0.40
N PHE A 134 -15.63 -13.94 -1.62
CA PHE A 134 -16.26 -13.44 -2.87
C PHE A 134 -17.46 -14.32 -3.22
N GLU A 135 -17.28 -15.62 -3.06
CA GLU A 135 -18.33 -16.61 -3.42
C GLU A 135 -19.54 -16.44 -2.51
N ALA A 136 -19.38 -15.90 -1.31
CA ALA A 136 -20.45 -15.72 -0.35
C ALA A 136 -21.33 -14.53 -0.70
N SER A 137 -21.04 -13.80 -1.75
CA SER A 137 -21.86 -12.67 -2.21
C SER A 137 -22.44 -12.96 -3.56
N PRO A 138 -23.75 -12.74 -3.76
CA PRO A 138 -24.34 -12.97 -5.08
C PRO A 138 -23.85 -11.95 -6.12
N HIS A 139 -23.17 -10.88 -5.69
CA HIS A 139 -22.58 -9.86 -6.58
C HIS A 139 -21.08 -10.09 -6.78
N GLY A 140 -20.51 -11.07 -6.07
CA GLY A 140 -19.05 -11.27 -6.13
C GLY A 140 -18.31 -10.20 -5.34
N LEU A 141 -18.96 -9.46 -4.47
CA LEU A 141 -18.27 -8.48 -3.60
C LEU A 141 -17.81 -9.21 -2.36
N PRO A 142 -16.51 -9.20 -2.04
CA PRO A 142 -16.06 -9.99 -0.92
C PRO A 142 -16.57 -9.45 0.42
N TRP A 143 -16.98 -10.36 1.27
CA TRP A 143 -17.14 -10.06 2.71
C TRP A 143 -15.78 -9.64 3.28
N ARG A 144 -15.81 -8.91 4.38
CA ARG A 144 -14.53 -8.33 4.87
C ARG A 144 -13.64 -9.34 5.55
N TYR A 145 -14.22 -10.34 6.23
CA TYR A 145 -13.47 -11.33 7.00
C TYR A 145 -13.86 -12.71 6.56
N VAL A 146 -12.89 -13.61 6.54
CA VAL A 146 -13.15 -15.02 6.27
C VAL A 146 -12.35 -15.87 7.25
N ASN A 147 -12.94 -17.01 7.62
CA ASN A 147 -12.20 -17.99 8.41
C ASN A 147 -11.33 -18.78 7.44
N LEU A 148 -10.04 -18.81 7.67
CA LEU A 148 -9.08 -19.39 6.71
C LEU A 148 -9.31 -20.89 6.55
N ARG A 149 -9.79 -21.56 7.60
CA ARG A 149 -10.02 -23.01 7.52
C ARG A 149 -11.42 -23.29 7.00
N THR A 150 -12.43 -22.61 7.52
CA THR A 150 -13.83 -23.08 7.32
C THR A 150 -14.52 -22.34 6.18
N GLY A 151 -14.02 -21.17 5.78
CA GLY A 151 -14.71 -20.36 4.78
C GLY A 151 -15.83 -19.51 5.34
N ALA A 152 -16.09 -19.54 6.62
CA ALA A 152 -17.20 -18.74 7.15
C ALA A 152 -16.88 -17.25 7.00
N VAL A 153 -17.85 -16.46 6.63
CA VAL A 153 -17.65 -15.02 6.40
C VAL A 153 -18.31 -14.17 7.47
N SER A 154 -17.79 -12.98 7.62
CA SER A 154 -18.38 -11.99 8.53
C SER A 154 -18.11 -10.60 8.03
N ASP A 155 -19.09 -9.75 8.30
CA ASP A 155 -19.11 -8.30 8.02
C ASP A 155 -19.15 -7.98 6.53
N PRO A 156 -20.36 -7.82 5.98
CA PRO A 156 -20.52 -7.42 4.57
C PRO A 156 -20.54 -5.92 4.34
N GLU A 157 -20.42 -5.12 5.42
CA GLU A 157 -20.50 -3.66 5.23
C GLU A 157 -19.08 -3.16 4.95
N THR A 158 -18.75 -3.24 3.68
CA THR A 158 -17.40 -3.08 3.15
C THR A 158 -17.27 -1.78 2.40
N ASN A 159 -16.23 -1.68 1.57
CA ASN A 159 -15.83 -0.41 0.99
C ASN A 159 -15.00 -0.67 -0.25
N LEU A 160 -14.81 0.36 -1.05
CA LEU A 160 -14.12 0.20 -2.35
CA LEU A 160 -14.13 0.20 -2.35
C LEU A 160 -12.74 -0.40 -2.19
N ALA A 161 -11.97 0.05 -1.20
CA ALA A 161 -10.60 -0.51 -1.03
C ALA A 161 -10.72 -2.01 -0.76
N GLU A 162 -11.64 -2.39 0.11
CA GLU A 162 -11.74 -3.79 0.54
C GLU A 162 -12.49 -4.69 -0.44
N ILE A 163 -13.14 -4.14 -1.46
CA ILE A 163 -13.68 -4.98 -2.57
C ILE A 163 -12.83 -4.89 -3.81
N GLY A 164 -11.89 -3.96 -3.90
CA GLY A 164 -11.27 -3.58 -5.16
C GLY A 164 -9.76 -3.50 -5.14
N THR A 165 -9.11 -4.22 -4.23
CA THR A 165 -7.65 -4.26 -4.15
C THR A 165 -7.16 -5.71 -4.22
N TYR A 166 -7.54 -6.37 -5.31
CA TYR A 166 -7.24 -7.78 -5.56
C TYR A 166 -6.72 -8.04 -6.94
N LEU A 167 -7.05 -7.19 -7.92
CA LEU A 167 -6.86 -7.56 -9.32
C LEU A 167 -5.38 -7.71 -9.66
N SER A 168 -4.49 -6.96 -9.03
CA SER A 168 -3.06 -7.11 -9.35
C SER A 168 -2.57 -8.50 -8.92
N GLU A 169 -2.79 -8.83 -7.65
CA GLU A 169 -2.31 -10.12 -7.14
C GLU A 169 -3.04 -11.28 -7.79
N PHE A 170 -4.34 -11.15 -7.90
CA PHE A 170 -5.16 -12.22 -8.49
C PHE A 170 -4.87 -12.34 -10.00
N GLY A 171 -4.67 -11.23 -10.68
CA GLY A 171 -4.33 -11.30 -12.11
C GLY A 171 -2.98 -11.93 -12.34
N VAL A 172 -2.00 -11.62 -11.49
CA VAL A 172 -0.70 -12.30 -11.58
C VAL A 172 -0.88 -13.79 -11.30
N LEU A 173 -1.67 -14.17 -10.30
CA LEU A 173 -1.99 -15.59 -10.09
C LEU A 173 -2.56 -16.19 -11.36
N SER A 174 -3.48 -15.53 -12.03
CA SER A 174 -4.03 -16.11 -13.28
C SER A 174 -2.95 -16.27 -14.32
N GLN A 175 -2.06 -15.30 -14.47
CA GLN A 175 -0.99 -15.43 -15.47
C GLN A 175 -0.08 -16.61 -15.14
N LEU A 176 0.31 -16.76 -13.90
CA LEU A 176 1.28 -17.79 -13.50
C LEU A 176 0.65 -19.16 -13.48
N THR A 177 -0.58 -19.30 -13.01
CA THR A 177 -1.23 -20.59 -12.85
C THR A 177 -1.87 -21.08 -14.15
N GLY A 178 -2.26 -20.15 -15.02
CA GLY A 178 -3.11 -20.44 -16.19
C GLY A 178 -4.60 -20.43 -15.89
N GLU A 179 -5.00 -20.27 -14.65
CA GLU A 179 -6.43 -20.29 -14.31
C GLU A 179 -6.98 -18.86 -14.26
N ARG A 180 -7.87 -18.55 -15.17
CA ARG A 180 -8.45 -17.20 -15.30
C ARG A 180 -9.37 -16.86 -14.13
N LYS A 181 -9.78 -17.82 -13.31
CA LYS A 181 -10.82 -17.53 -12.32
C LYS A 181 -10.38 -16.40 -11.37
N TYR A 182 -9.09 -16.28 -11.05
CA TYR A 182 -8.66 -15.26 -10.04
C TYR A 182 -8.87 -13.87 -10.64
N PHE A 183 -8.32 -13.62 -11.83
CA PHE A 183 -8.52 -12.34 -12.52
C PHE A 183 -10.01 -12.03 -12.61
N ASP A 184 -10.81 -13.01 -13.04
CA ASP A 184 -12.24 -12.72 -13.28
C ASP A 184 -12.93 -12.33 -11.97
N MET A 185 -12.63 -13.02 -10.90
CA MET A 185 -13.26 -12.75 -9.62
C MET A 185 -12.94 -11.33 -9.17
N ALA A 186 -11.68 -10.93 -9.28
CA ALA A 186 -11.28 -9.58 -8.84
C ALA A 186 -11.95 -8.53 -9.73
N LYS A 187 -11.91 -8.72 -11.03
CA LYS A 187 -12.45 -7.70 -11.95
C LYS A 187 -13.96 -7.54 -11.74
N ARG A 188 -14.67 -8.65 -11.52
CA ARG A 188 -16.14 -8.60 -11.38
C ARG A 188 -16.52 -7.65 -10.23
N ALA A 189 -15.82 -7.71 -9.11
CA ALA A 189 -16.16 -6.88 -7.97
C ALA A 189 -15.95 -5.40 -8.29
N MET A 190 -14.89 -5.07 -9.01
CA MET A 190 -14.66 -3.69 -9.41
C MET A 190 -15.73 -3.20 -10.37
N ARG A 191 -16.08 -4.04 -11.37
CA ARG A 191 -17.11 -3.66 -12.35
C ARG A 191 -18.41 -3.34 -11.64
N HIS A 192 -18.76 -4.10 -10.62
CA HIS A 192 -20.03 -3.89 -9.89
C HIS A 192 -20.14 -2.44 -9.44
N THR A 193 -19.10 -1.90 -8.79
CA THR A 193 -19.19 -0.52 -8.25
C THR A 193 -19.04 0.48 -9.34
N LEU A 194 -18.24 0.22 -10.35
CA LEU A 194 -18.11 1.16 -11.47
C LEU A 194 -19.43 1.30 -12.20
N ASP A 195 -20.20 0.23 -12.32
CA ASP A 195 -21.53 0.30 -12.95
C ASP A 195 -22.49 1.12 -12.12
N ARG A 196 -22.18 1.46 -10.90
CA ARG A 196 -23.03 2.29 -10.01
C ARG A 196 -22.49 3.69 -9.88
N ARG A 197 -21.56 4.09 -10.73
CA ARG A 197 -21.12 5.49 -10.71
C ARG A 197 -22.34 6.39 -10.90
N SER A 198 -22.29 7.54 -10.24
CA SER A 198 -23.25 8.62 -10.44
C SER A 198 -23.08 9.26 -11.82
N LYS A 199 -23.99 10.19 -12.13
CA LYS A 199 -23.90 10.93 -13.40
C LYS A 199 -22.66 11.81 -13.45
N ILE A 200 -22.08 12.18 -12.30
CA ILE A 200 -20.80 12.93 -12.29
C ILE A 200 -19.58 12.00 -12.18
N GLY A 201 -19.77 10.68 -12.26
CA GLY A 201 -18.63 9.78 -12.45
C GLY A 201 -17.99 9.32 -11.18
N LEU A 202 -18.62 9.53 -10.02
CA LEU A 202 -18.06 9.15 -8.72
C LEU A 202 -18.80 7.95 -8.17
N MET A 203 -18.14 7.22 -7.30
CA MET A 203 -18.72 6.15 -6.49
C MET A 203 -18.67 6.56 -5.03
N ALA A 204 -19.71 6.27 -4.27
CA ALA A 204 -19.60 6.30 -2.81
C ALA A 204 -18.60 5.22 -2.38
N ALA A 205 -17.95 5.45 -1.27
CA ALA A 205 -16.81 4.59 -0.86
C ALA A 205 -17.25 3.37 -0.08
N ASN A 206 -18.47 3.36 0.44
CA ASN A 206 -18.98 2.29 1.33
C ASN A 206 -20.05 1.52 0.61
N ILE A 207 -19.91 0.21 0.61
CA ILE A 207 -20.78 -0.68 -0.19
C ILE A 207 -21.08 -1.95 0.57
N HIS A 208 -22.28 -2.49 0.38
CA HIS A 208 -22.74 -3.70 1.07
C HIS A 208 -22.55 -4.90 0.15
N ALA A 209 -21.89 -5.93 0.66
CA ALA A 209 -21.54 -7.10 -0.16
C ALA A 209 -22.79 -7.91 -0.54
N MET A 210 -23.84 -7.86 0.27
CA MET A 210 -25.02 -8.69 -0.02
C MET A 210 -26.08 -7.92 -0.78
N THR A 211 -26.35 -6.68 -0.42
CA THR A 211 -27.36 -5.90 -1.18
C THR A 211 -26.73 -5.37 -2.47
N GLY A 212 -25.42 -5.21 -2.49
CA GLY A 212 -24.72 -4.61 -3.63
C GLY A 212 -24.88 -3.10 -3.71
N ALA A 213 -25.52 -2.48 -2.73
CA ALA A 213 -25.82 -1.04 -2.73
C ALA A 213 -24.82 -0.25 -1.93
N PHE A 214 -24.64 1.00 -2.30
CA PHE A 214 -23.84 1.90 -1.46
C PHE A 214 -24.49 2.07 -0.08
N THR A 215 -23.68 2.22 0.94
CA THR A 215 -24.15 2.40 2.34
C THR A 215 -23.78 3.78 2.84
N SER A 216 -23.16 4.60 2.02
CA SER A 216 -22.95 6.02 2.34
C SER A 216 -23.13 6.80 1.04
N ARG A 217 -23.04 8.11 1.16
CA ARG A 217 -23.05 8.98 -0.02
C ARG A 217 -21.66 9.60 -0.27
N ASN A 218 -20.64 9.21 0.46
CA ASN A 218 -19.35 9.93 0.40
C ASN A 218 -18.40 9.32 -0.60
N ALA A 219 -18.06 10.05 -1.63
CA ALA A 219 -16.91 9.70 -2.51
C ALA A 219 -15.63 10.10 -1.82
N SER A 220 -14.61 9.27 -1.95
CA SER A 220 -13.32 9.47 -1.24
C SER A 220 -12.19 9.11 -2.18
N ILE A 221 -11.04 9.78 -2.01
CA ILE A 221 -9.79 9.29 -2.62
C ILE A 221 -8.92 8.56 -1.60
N ASP A 222 -9.27 8.60 -0.32
CA ASP A 222 -8.35 8.06 0.71
C ASP A 222 -9.08 6.99 1.49
N VAL A 223 -9.58 7.32 2.67
CA VAL A 223 -10.22 6.30 3.56
CA VAL A 223 -10.31 6.41 3.58
C VAL A 223 -11.39 5.67 2.80
N TYR A 224 -11.46 4.37 2.95
CA TYR A 224 -12.47 3.48 2.35
C TYR A 224 -12.23 3.22 0.86
N ALA A 225 -11.24 3.80 0.17
CA ALA A 225 -11.28 3.75 -1.30
C ALA A 225 -9.92 3.68 -1.96
N ASP A 226 -8.93 4.40 -1.49
CA ASP A 226 -7.61 4.61 -2.11
C ASP A 226 -7.26 3.61 -3.22
N SER A 227 -6.86 2.40 -2.86
CA SER A 227 -6.21 1.52 -3.84
C SER A 227 -7.15 0.98 -4.93
N PHE A 228 -8.47 1.13 -4.78
CA PHE A 228 -9.38 0.80 -5.90
C PHE A 228 -8.89 1.54 -7.14
N TYR A 229 -8.61 2.84 -6.98
CA TYR A 229 -8.28 3.68 -8.13
C TYR A 229 -6.93 3.28 -8.72
N GLU A 230 -5.98 2.93 -7.87
CA GLU A 230 -4.69 2.41 -8.37
C GLU A 230 -4.88 1.15 -9.16
N TYR A 231 -5.69 0.21 -8.66
CA TYR A 231 -5.72 -1.12 -9.27
C TYR A 231 -6.40 -1.09 -10.62
N LEU A 232 -7.21 -0.08 -10.92
CA LEU A 232 -7.72 0.10 -12.29
C LEU A 232 -6.52 0.35 -13.21
N TRP A 233 -5.67 1.35 -12.88
CA TRP A 233 -4.55 1.64 -13.75
C TRP A 233 -3.58 0.46 -13.79
N ASP A 234 -3.33 -0.13 -12.63
CA ASP A 234 -2.33 -1.19 -12.53
C ASP A 234 -2.76 -2.43 -13.37
N ALA A 235 -4.04 -2.65 -13.50
CA ALA A 235 -4.51 -3.78 -14.32
C ALA A 235 -4.30 -3.51 -15.80
N TRP A 236 -4.45 -2.26 -16.23
CA TRP A 236 -4.03 -1.89 -17.59
C TRP A 236 -2.54 -2.14 -17.75
N ALA A 237 -1.72 -1.67 -16.80
CA ALA A 237 -0.28 -1.78 -16.95
C ALA A 237 0.14 -3.25 -16.94
N LEU A 238 -0.38 -4.04 -16.02
CA LEU A 238 0.09 -5.44 -15.87
C LEU A 238 -0.55 -6.37 -16.90
N PHE A 239 -1.82 -6.20 -17.23
CA PHE A 239 -2.59 -7.20 -17.99
C PHE A 239 -3.06 -6.64 -19.33
N GLY A 240 -2.87 -5.38 -19.63
CA GLY A 240 -3.42 -4.83 -20.86
C GLY A 240 -4.93 -4.74 -20.87
N ASP A 241 -5.60 -4.69 -19.72
CA ASP A 241 -7.07 -4.73 -19.68
C ASP A 241 -7.57 -3.38 -20.12
N GLU A 242 -8.29 -3.39 -21.25
CA GLU A 242 -8.90 -2.19 -21.86
CA GLU A 242 -8.80 -2.12 -21.83
C GLU A 242 -9.95 -1.56 -20.97
N ASP A 243 -10.77 -2.34 -20.36
CA ASP A 243 -11.82 -1.78 -19.50
C ASP A 243 -11.15 -1.01 -18.36
N CYS A 244 -10.17 -1.61 -17.71
CA CYS A 244 -9.48 -0.95 -16.59
C CYS A 244 -8.76 0.32 -17.00
N LYS A 245 -8.16 0.33 -18.18
CA LYS A 245 -7.52 1.57 -18.69
C LYS A 245 -8.57 2.68 -18.80
N ARG A 246 -9.72 2.37 -19.38
CA ARG A 246 -10.84 3.33 -19.52
C ARG A 246 -11.27 3.80 -18.13
N TRP A 247 -11.57 2.85 -17.27
CA TRP A 247 -12.12 3.15 -15.96
C TRP A 247 -11.15 3.97 -15.15
N ALA A 248 -9.86 3.67 -15.25
CA ALA A 248 -8.86 4.39 -14.41
C ALA A 248 -8.92 5.87 -14.71
N VAL A 249 -8.89 6.21 -16.00
CA VAL A 249 -8.85 7.61 -16.41
C VAL A 249 -10.19 8.27 -16.16
N GLU A 250 -11.29 7.58 -16.43
CA GLU A 250 -12.63 8.16 -16.14
C GLU A 250 -12.74 8.50 -14.67
N CYS A 251 -12.37 7.58 -13.79
CA CYS A 251 -12.52 7.82 -12.36
C CYS A 251 -11.69 9.02 -11.93
N VAL A 252 -10.46 9.09 -12.38
CA VAL A 252 -9.57 10.19 -11.96
C VAL A 252 -10.10 11.52 -12.53
N ASP A 253 -10.55 11.52 -13.78
CA ASP A 253 -11.08 12.81 -14.33
C ASP A 253 -12.34 13.22 -13.58
N ALA A 254 -13.17 12.30 -13.09
CA ALA A 254 -14.32 12.68 -12.29
C ALA A 254 -13.85 13.33 -10.98
N GLN A 255 -12.86 12.73 -10.34
CA GLN A 255 -12.28 13.28 -9.11
C GLN A 255 -11.66 14.68 -9.35
N LEU A 256 -10.96 14.84 -10.45
CA LEU A 256 -10.36 16.16 -10.76
C LEU A 256 -11.48 17.19 -11.00
N ALA A 257 -12.59 16.81 -11.56
CA ALA A 257 -13.70 17.74 -11.85
C ALA A 257 -14.47 18.08 -10.60
N HIS A 258 -14.65 17.12 -9.68
CA HIS A 258 -15.62 17.30 -8.59
C HIS A 258 -15.04 17.21 -7.21
N GLN A 259 -13.85 16.64 -7.03
CA GLN A 259 -13.27 16.53 -5.67
C GLN A 259 -12.07 17.42 -5.52
N ALA A 260 -11.38 17.81 -6.56
CA ALA A 260 -10.22 18.71 -6.41
C ALA A 260 -10.69 20.06 -5.86
N LYS A 261 -10.19 20.49 -4.73
CA LYS A 261 -10.58 21.76 -4.11
C LYS A 261 -9.31 22.42 -3.61
N ARG A 262 -9.22 23.73 -3.74
CA ARG A 262 -8.07 24.46 -3.22
C ARG A 262 -8.46 25.13 -1.92
N TYR A 263 -7.58 25.09 -0.95
CA TYR A 263 -7.74 25.81 0.31
C TYR A 263 -6.40 26.48 0.55
N ASP A 264 -6.41 27.81 0.80
CA ASP A 264 -5.18 28.58 1.10
C ASP A 264 -4.13 28.32 0.01
N GLY A 265 -4.57 28.19 -1.21
CA GLY A 265 -3.67 28.04 -2.34
C GLY A 265 -3.18 26.63 -2.60
N ARG A 266 -3.60 25.65 -1.79
CA ARG A 266 -3.08 24.27 -1.88
C ARG A 266 -4.20 23.34 -2.36
N LEU A 267 -3.82 22.34 -3.16
CA LEU A 267 -4.78 21.35 -3.67
C LEU A 267 -5.04 20.27 -2.63
N TRP A 268 -6.31 19.98 -2.40
CA TRP A 268 -6.77 18.86 -1.57
C TRP A 268 -7.93 18.15 -2.30
N PHE A 269 -8.26 16.98 -1.81
CA PHE A 269 -9.36 16.16 -2.37
C PHE A 269 -10.21 15.69 -1.20
N PRO A 270 -11.01 16.58 -0.58
CA PRO A 270 -11.89 16.18 0.52
C PRO A 270 -13.00 15.26 -0.02
N MET A 271 -13.66 14.62 0.93
CA MET A 271 -14.86 13.80 0.63
CA MET A 271 -14.79 13.80 0.43
C MET A 271 -15.96 14.70 0.04
N VAL A 272 -16.71 14.20 -0.93
CA VAL A 272 -17.86 14.91 -1.47
C VAL A 272 -19.03 13.95 -1.61
N ASP A 273 -20.22 14.50 -1.71
CA ASP A 273 -21.41 13.73 -2.07
C ASP A 273 -21.22 13.16 -3.46
N PHE A 274 -21.34 11.85 -3.62
CA PHE A 274 -20.95 11.20 -4.88
C PHE A 274 -21.89 11.57 -6.02
N GLU A 275 -23.07 12.11 -5.74
CA GLU A 275 -23.98 12.60 -6.81
C GLU A 275 -23.92 14.13 -7.00
N THR A 276 -23.35 14.97 -6.11
N THR A 276 -24.06 14.82 -5.86
CA THR A 276 -23.32 16.47 -6.35
CA THR A 276 -24.24 16.28 -5.92
C THR A 276 -21.92 17.10 -6.36
C THR A 276 -22.88 16.98 -5.98
N GLY A 277 -20.88 16.49 -5.79
N GLY A 277 -21.80 16.36 -5.50
CA GLY A 277 -19.52 17.07 -5.69
CA GLY A 277 -20.49 17.00 -5.40
C GLY A 277 -19.46 18.11 -4.59
C GLY A 277 -20.37 17.99 -4.26
N ALA A 278 -20.55 18.22 -3.81
N ALA A 278 -21.36 18.11 -3.37
CA ALA A 278 -20.59 19.11 -2.63
CA ALA A 278 -21.22 19.00 -2.18
C ALA A 278 -19.78 18.44 -1.55
C ALA A 278 -20.09 18.45 -1.24
N VAL A 279 -19.12 19.26 -0.79
CA VAL A 279 -18.11 18.79 0.18
C VAL A 279 -18.79 18.22 1.40
N THR A 280 -18.40 17.02 1.80
CA THR A 280 -19.02 16.36 2.96
C THR A 280 -18.00 16.08 4.05
N GLY A 281 -16.75 16.44 3.87
CA GLY A 281 -15.79 16.32 4.96
C GLY A 281 -14.66 17.30 4.79
N THR A 282 -13.89 17.48 5.86
CA THR A 282 -12.74 18.41 5.83
C THR A 282 -11.45 17.66 6.10
N ALA A 283 -11.46 16.37 6.34
CA ALA A 283 -10.23 15.63 6.67
C ALA A 283 -9.53 15.13 5.41
N GLN A 284 -8.21 15.17 5.42
CA GLN A 284 -7.40 14.41 4.44
C GLN A 284 -6.40 13.59 5.21
N SER A 285 -6.33 12.31 4.86
CA SER A 285 -5.35 11.39 5.45
CA SER A 285 -5.32 11.42 5.47
C SER A 285 -3.96 11.63 4.85
N GLU A 286 -2.92 11.42 5.63
CA GLU A 286 -1.56 11.32 5.07
C GLU A 286 -1.56 10.32 3.90
N SER A 287 -2.39 9.27 4.05
CA SER A 287 -2.35 8.16 3.10
C SER A 287 -2.91 8.56 1.75
N ALA A 288 -3.54 9.73 1.63
CA ALA A 288 -3.96 10.25 0.32
C ALA A 288 -2.78 10.55 -0.60
N ALA A 289 -1.57 10.64 -0.05
CA ALA A 289 -0.43 11.08 -0.87
C ALA A 289 -0.14 10.09 -2.01
N TYR A 290 -0.57 8.81 -1.93
CA TYR A 290 -0.41 7.86 -3.04
C TYR A 290 -0.97 8.49 -4.33
N TYR A 291 -2.02 9.29 -4.20
CA TYR A 291 -2.79 9.76 -5.33
C TYR A 291 -1.95 10.71 -6.19
N ALA A 292 -0.99 11.41 -5.59
CA ALA A 292 -0.11 12.27 -6.39
C ALA A 292 0.63 11.43 -7.44
N GLY A 293 1.11 10.24 -7.03
CA GLY A 293 1.76 9.35 -7.98
C GLY A 293 0.78 8.77 -8.99
N LEU A 294 -0.40 8.34 -8.55
CA LEU A 294 -1.39 7.81 -9.51
C LEU A 294 -1.75 8.87 -10.55
N LEU A 295 -1.93 10.11 -10.14
CA LEU A 295 -2.24 11.18 -11.10
C LEU A 295 -1.16 11.21 -12.17
N GLY A 296 0.11 11.15 -11.80
CA GLY A 296 1.14 11.11 -12.85
C GLY A 296 1.02 9.89 -13.73
N GLN A 297 0.79 8.73 -13.14
CA GLN A 297 0.72 7.47 -13.93
C GLN A 297 -0.37 7.57 -14.99
N VAL A 298 -1.52 8.11 -14.68
CA VAL A 298 -2.66 8.11 -15.62
C VAL A 298 -2.60 9.29 -16.58
N GLY A 299 -1.51 10.07 -16.60
CA GLY A 299 -1.38 11.16 -17.57
C GLY A 299 -1.88 12.47 -17.07
N ARG A 300 -1.83 12.71 -15.77
CA ARG A 300 -2.23 13.96 -15.12
C ARG A 300 -1.09 14.40 -14.22
N LYS A 301 0.10 14.49 -14.77
CA LYS A 301 1.26 14.73 -13.89
CA LYS A 301 1.37 14.77 -14.04
C LYS A 301 1.30 16.14 -13.36
N ALA A 302 0.87 17.18 -14.09
CA ALA A 302 0.88 18.52 -13.47
C ALA A 302 0.04 18.50 -12.21
N GLN A 303 -1.14 17.88 -12.25
CA GLN A 303 -2.01 17.78 -11.08
C GLN A 303 -1.34 16.94 -9.99
N GLY A 304 -0.66 15.86 -10.40
CA GLY A 304 0.06 15.04 -9.43
C GLY A 304 1.12 15.83 -8.71
N ASP A 305 1.90 16.62 -9.44
CA ASP A 305 2.91 17.47 -8.81
C ASP A 305 2.25 18.49 -7.90
N ASP A 306 1.13 19.07 -8.31
CA ASP A 306 0.45 20.05 -7.45
C ASP A 306 0.02 19.37 -6.15
N TYR A 307 -0.51 18.16 -6.25
CA TYR A 307 -0.95 17.45 -5.04
C TYR A 307 0.25 17.06 -4.16
N LEU A 308 1.33 16.58 -4.78
CA LEU A 308 2.54 16.28 -4.01
C LEU A 308 2.94 17.50 -3.20
N ALA A 309 2.90 18.68 -3.82
CA ALA A 309 3.30 19.92 -3.15
C ALA A 309 2.50 20.14 -1.86
N SER A 310 1.23 19.72 -1.78
CA SER A 310 0.48 19.83 -0.53
C SER A 310 1.14 19.02 0.58
N PHE A 311 1.59 17.82 0.25
CA PHE A 311 2.27 17.00 1.24
C PHE A 311 3.68 17.48 1.51
N THR A 312 4.36 18.03 0.53
CA THR A 312 5.68 18.64 0.76
C THR A 312 5.57 19.80 1.77
N TYR A 313 4.49 20.56 1.69
CA TYR A 313 4.16 21.62 2.66
C TYR A 313 4.01 21.00 4.06
N LEU A 314 3.27 19.89 4.18
CA LEU A 314 3.09 19.27 5.49
C LEU A 314 4.43 18.78 6.02
N GLN A 315 5.27 18.18 5.19
CA GLN A 315 6.60 17.71 5.64
C GLN A 315 7.47 18.88 6.09
N ALA A 316 7.51 19.95 5.29
CA ALA A 316 8.37 21.09 5.65
C ALA A 316 7.88 21.74 6.94
N THR A 317 6.59 21.78 7.14
CA THR A 317 6.02 22.51 8.29
C THR A 317 6.09 21.66 9.55
N PHE A 318 5.72 20.39 9.45
CA PHE A 318 5.52 19.52 10.63
C PHE A 318 6.63 18.48 10.81
N GLY A 319 7.55 18.34 9.84
CA GLY A 319 8.64 17.37 9.92
C GLY A 319 8.20 16.01 9.43
N VAL A 320 7.31 15.40 10.21
CA VAL A 320 6.57 14.18 9.80
C VAL A 320 5.20 14.65 9.33
N ILE A 321 4.71 14.08 8.23
CA ILE A 321 3.39 14.45 7.69
C ILE A 321 2.35 13.99 8.72
N PRO A 322 1.46 14.88 9.18
CA PRO A 322 0.45 14.43 10.14
C PRO A 322 -0.43 13.33 9.57
N GLU A 323 -0.86 12.45 10.46
CA GLU A 323 -1.65 11.30 10.04
C GLU A 323 -2.95 11.73 9.34
N SER A 324 -3.55 12.83 9.80
CA SER A 324 -4.71 13.44 9.16
C SER A 324 -4.59 14.95 9.36
N ILE A 325 -5.07 15.69 8.43
CA ILE A 325 -5.12 17.18 8.47
C ILE A 325 -6.53 17.65 8.15
N ASP A 326 -6.80 18.86 8.61
CA ASP A 326 -8.03 19.57 8.24
C ASP A 326 -7.71 20.41 7.04
N VAL A 327 -8.33 20.15 5.91
CA VAL A 327 -7.96 20.84 4.66
C VAL A 327 -8.24 22.33 4.81
N THR A 328 -9.23 22.71 5.62
CA THR A 328 -9.63 24.14 5.70
C THR A 328 -8.57 24.96 6.42
N THR A 329 -7.71 24.36 7.21
CA THR A 329 -6.66 25.10 7.95
C THR A 329 -5.26 24.63 7.60
N GLY A 330 -5.10 23.43 7.03
CA GLY A 330 -3.79 22.87 6.75
C GLY A 330 -3.09 22.39 7.99
N GLN A 331 -3.79 22.20 9.12
CA GLN A 331 -3.18 21.83 10.40
C GLN A 331 -3.51 20.40 10.75
N PRO A 332 -2.73 19.78 11.64
CA PRO A 332 -2.97 18.41 12.04
C PRO A 332 -4.29 18.21 12.74
N ARG A 333 -4.91 17.07 12.54
CA ARG A 333 -6.09 16.61 13.27
C ARG A 333 -5.74 15.50 14.24
N ARG A 334 -4.53 14.93 14.10
CA ARG A 334 -4.04 13.83 14.95
C ARG A 334 -2.58 14.07 15.25
N LYS A 335 -2.08 13.61 16.39
CA LYS A 335 -0.66 13.81 16.74
C LYS A 335 0.15 12.54 16.57
N HIS A 336 -0.52 11.38 16.58
CA HIS A 336 0.16 10.08 16.44
CA HIS A 336 0.24 10.12 16.44
C HIS A 336 0.39 9.79 14.95
N THR A 337 1.22 8.81 14.65
CA THR A 337 1.43 8.35 13.28
C THR A 337 1.41 6.84 13.19
N GLY A 338 1.30 6.39 11.94
CA GLY A 338 1.48 5.00 11.60
C GLY A 338 2.78 4.72 10.85
N LEU A 339 3.82 5.51 10.97
CA LEU A 339 5.07 5.27 10.24
C LEU A 339 4.76 5.03 8.77
N ARG A 340 4.09 6.01 8.16
CA ARG A 340 3.39 5.79 6.89
C ARG A 340 4.27 6.01 5.67
N PRO A 341 4.01 5.26 4.59
CA PRO A 341 4.89 5.21 3.42
C PRO A 341 4.47 6.06 2.22
N GLU A 342 3.32 6.74 2.26
CA GLU A 342 2.74 7.22 0.99
C GLU A 342 3.51 8.36 0.36
N TYR A 343 4.26 9.16 1.11
CA TYR A 343 5.01 10.26 0.47
C TYR A 343 6.11 9.71 -0.43
N PRO A 344 6.99 8.81 0.05
CA PRO A 344 7.98 8.23 -0.88
C PRO A 344 7.37 7.35 -1.94
N ASP A 345 6.20 6.77 -1.72
CA ASP A 345 5.40 6.08 -2.76
C ASP A 345 5.18 7.05 -3.91
N ALA A 346 4.60 8.20 -3.64
CA ALA A 346 4.33 9.21 -4.67
C ALA A 346 5.65 9.66 -5.31
N CYS A 347 6.68 9.91 -4.53
CA CYS A 347 7.95 10.40 -5.10
C CYS A 347 8.48 9.35 -6.08
N LEU A 348 8.51 8.06 -5.71
CA LEU A 348 9.02 7.07 -6.65
C LEU A 348 8.16 7.01 -7.91
N ASN A 349 6.84 6.98 -7.74
CA ASN A 349 5.96 6.87 -8.93
C ASN A 349 6.15 8.04 -9.89
N LEU A 350 6.27 9.26 -9.36
CA LEU A 350 6.49 10.42 -10.24
C LEU A 350 7.90 10.39 -10.84
N TRP A 351 8.87 9.99 -10.07
CA TRP A 351 10.26 9.91 -10.54
C TRP A 351 10.40 8.88 -11.67
N LEU A 352 9.63 7.80 -11.63
CA LEU A 352 9.73 6.79 -12.69
C LEU A 352 9.31 7.40 -14.03
N ILE A 353 8.57 8.49 -14.08
CA ILE A 353 8.17 9.11 -15.38
C ILE A 353 9.33 9.77 -16.12
N ASP A 354 10.14 10.63 -15.49
CA ASP A 354 11.24 11.33 -16.21
C ASP A 354 12.53 11.42 -15.39
N ARG A 355 12.59 10.77 -14.23
CA ARG A 355 13.80 10.76 -13.40
C ARG A 355 14.17 12.17 -12.93
N ASP A 356 13.20 12.98 -12.57
CA ASP A 356 13.53 14.34 -12.11
C ASP A 356 14.22 14.27 -10.74
N PRO A 357 15.43 14.82 -10.56
CA PRO A 357 16.09 14.68 -9.28
CA PRO A 357 16.15 14.84 -9.29
C PRO A 357 15.34 15.39 -8.12
N ARG A 358 14.39 16.27 -8.40
CA ARG A 358 13.60 16.87 -7.32
C ARG A 358 12.96 15.79 -6.45
N TYR A 359 12.47 14.71 -7.06
CA TYR A 359 11.80 13.68 -6.25
C TYR A 359 12.77 12.97 -5.33
N ARG A 360 14.01 12.79 -5.78
CA ARG A 360 15.04 12.21 -4.92
C ARG A 360 15.31 13.15 -3.71
N ARG A 361 15.40 14.44 -3.98
CA ARG A 361 15.64 15.45 -2.93
CA ARG A 361 15.65 15.44 -2.93
C ARG A 361 14.56 15.35 -1.84
N LEU A 362 13.32 15.28 -2.30
CA LEU A 362 12.18 15.25 -1.38
C LEU A 362 12.14 13.94 -0.60
N ALA A 363 12.42 12.82 -1.27
CA ALA A 363 12.42 11.52 -0.59
C ALA A 363 13.58 11.41 0.39
N ALA A 364 14.71 12.07 0.09
CA ALA A 364 15.84 12.07 1.03
C ALA A 364 15.47 12.80 2.32
N ILE A 365 14.75 13.90 2.22
CA ILE A 365 14.26 14.58 3.43
C ILE A 365 13.43 13.59 4.25
N HIS A 366 12.55 12.87 3.58
CA HIS A 366 11.61 11.95 4.24
C HIS A 366 12.37 10.81 4.93
N TYR A 367 13.33 10.22 4.24
CA TYR A 367 14.15 9.15 4.84
C TYR A 367 14.91 9.67 6.04
N ARG A 368 15.58 10.80 5.89
CA ARG A 368 16.36 11.34 7.01
C ARG A 368 15.44 11.69 8.18
N GLU A 369 14.25 12.15 7.93
CA GLU A 369 13.30 12.46 9.02
C GLU A 369 12.84 11.18 9.68
N MET A 370 12.64 10.10 8.93
CA MET A 370 12.31 8.81 9.55
C MET A 370 13.43 8.39 10.49
N LYS A 371 14.67 8.52 10.04
CA LYS A 371 15.85 8.19 10.90
CA LYS A 371 15.77 8.13 10.96
C LYS A 371 15.86 9.06 12.17
N ALA A 372 15.51 10.32 12.04
CA ALA A 372 15.61 11.26 13.17
C ALA A 372 14.46 11.07 14.15
N THR A 373 13.37 10.44 13.80
CA THR A 373 12.17 10.40 14.63
C THR A 373 11.74 8.99 15.05
N SER A 374 11.89 8.02 14.17
CA SER A 374 11.30 6.68 14.40
C SER A 374 12.33 5.64 14.80
N ARG A 375 13.62 5.92 14.82
CA ARG A 375 14.61 4.89 15.16
C ARG A 375 14.48 4.53 16.64
N ALA A 376 14.44 3.26 16.94
CA ALA A 376 14.31 2.73 18.28
C ALA A 376 15.39 1.68 18.50
N ALA A 377 15.37 1.01 19.64
CA ALA A 377 16.47 0.09 20.00
C ALA A 377 16.58 -1.05 19.01
N PHE A 378 15.47 -1.61 18.55
CA PHE A 378 15.47 -2.83 17.75
C PHE A 378 14.74 -2.65 16.41
N GLY A 379 14.68 -1.43 15.92
CA GLY A 379 14.04 -1.17 14.63
C GLY A 379 13.41 0.19 14.58
N TYR A 380 12.39 0.32 13.74
CA TYR A 380 11.71 1.60 13.49
C TYR A 380 10.27 1.54 13.94
N THR A 381 9.81 2.64 14.56
CA THR A 381 8.50 2.63 15.21
C THR A 381 7.61 3.77 14.79
N ALA A 382 6.32 3.51 14.82
CA ALA A 382 5.26 4.54 14.73
C ALA A 382 5.37 5.51 15.89
N LEU A 383 4.84 6.71 15.71
CA LEU A 383 4.97 7.81 16.67
C LEU A 383 3.71 8.05 17.48
N LYS A 384 3.95 8.54 18.70
CA LYS A 384 2.90 8.92 19.65
C LYS A 384 2.48 10.39 19.44
N ASP A 385 3.47 11.25 19.25
CA ASP A 385 3.19 12.70 19.23
C ASP A 385 4.25 13.41 18.41
N ILE A 386 3.82 13.90 17.25
CA ILE A 386 4.70 14.65 16.33
C ILE A 386 4.86 16.09 16.79
N THR A 387 4.17 16.54 17.82
CA THR A 387 4.23 17.98 18.20
C THR A 387 5.25 18.18 19.31
N THR A 388 5.65 17.17 20.04
CA THR A 388 6.69 17.33 21.08
C THR A 388 8.06 17.34 20.37
N ARG A 389 9.09 17.84 21.08
CA ARG A 389 10.47 17.74 20.61
C ARG A 389 11.27 17.17 21.77
N PRO A 390 11.82 15.95 21.65
CA PRO A 390 11.69 15.08 20.49
C PRO A 390 10.25 14.61 20.39
N MET A 391 9.91 14.16 19.19
CA MET A 391 8.63 13.51 18.95
C MET A 391 8.61 12.24 19.80
N THR A 392 7.52 11.98 20.49
CA THR A 392 7.42 10.77 21.32
C THR A 392 7.02 9.60 20.44
N GLN A 393 7.43 8.42 20.85
CA GLN A 393 7.27 7.16 20.11
C GLN A 393 6.21 6.29 20.71
N ASP A 394 5.47 5.59 19.84
CA ASP A 394 4.72 4.41 20.27
C ASP A 394 5.70 3.23 20.03
C ASP A 394 5.66 3.21 20.27
N ASP A 395 5.17 2.01 20.02
CA ASP A 395 6.05 0.81 20.04
C ASP A 395 5.50 -0.22 19.07
N ASN A 396 5.71 0.02 17.77
CA ASN A 396 5.24 -0.90 16.73
C ASN A 396 5.90 -0.55 15.42
N CYS A 397 6.44 -1.54 14.73
CA CYS A 397 6.86 -1.42 13.33
C CYS A 397 5.77 -2.06 12.49
N PRO A 398 4.96 -1.29 11.75
CA PRO A 398 3.89 -1.90 10.95
CA PRO A 398 3.89 -1.92 10.96
C PRO A 398 4.49 -2.80 9.87
N GLY A 399 3.76 -3.90 9.55
CA GLY A 399 4.26 -4.81 8.52
C GLY A 399 4.56 -4.10 7.21
N TYR A 400 3.76 -3.08 6.85
CA TYR A 400 3.96 -2.41 5.56
C TYR A 400 5.31 -1.70 5.49
N TRP A 401 5.93 -1.33 6.60
CA TRP A 401 7.25 -0.70 6.55
C TRP A 401 8.26 -1.57 5.82
N TRP A 402 8.12 -2.89 6.04
CA TRP A 402 9.07 -3.86 5.50
C TRP A 402 8.98 -3.97 3.99
N SER A 403 7.80 -3.77 3.44
CA SER A 403 7.60 -3.84 1.98
C SER A 403 7.73 -2.47 1.32
N GLU A 404 7.31 -1.41 1.99
CA GLU A 404 7.09 -0.11 1.32
C GLU A 404 8.26 0.87 1.43
N GLN A 405 8.35 1.67 2.49
CA GLN A 405 9.18 2.89 2.27
C GLN A 405 10.66 2.57 2.14
N MET A 406 11.19 1.56 2.80
CA MET A 406 12.60 1.25 2.61
C MET A 406 12.85 0.80 1.17
N LYS A 407 11.94 0.05 0.59
CA LYS A 407 12.01 -0.29 -0.84
C LYS A 407 11.91 0.99 -1.68
N TYR A 408 10.98 1.88 -1.38
CA TYR A 408 10.85 3.09 -2.18
C TYR A 408 12.14 3.91 -2.19
N TYR A 409 12.70 4.15 -1.01
CA TYR A 409 13.95 4.89 -0.87
C TYR A 409 15.02 4.17 -1.68
N TYR A 410 15.14 2.85 -1.50
CA TYR A 410 16.22 2.11 -2.18
C TYR A 410 16.04 2.18 -3.68
N LEU A 411 14.82 2.02 -4.18
CA LEU A 411 14.63 2.11 -5.65
C LEU A 411 14.95 3.52 -6.14
N LEU A 412 14.59 4.55 -5.39
CA LEU A 412 14.88 5.95 -5.78
C LEU A 412 16.37 6.23 -5.81
N PHE A 413 17.15 5.62 -4.96
CA PHE A 413 18.55 6.04 -4.77
C PHE A 413 19.56 5.08 -5.40
N SER A 414 19.24 3.79 -5.51
CA SER A 414 20.24 2.75 -5.81
C SER A 414 20.56 2.57 -7.28
N ASP A 415 19.60 2.84 -8.16
CA ASP A 415 19.70 2.44 -9.59
C ASP A 415 20.14 0.98 -9.67
N THR A 416 19.54 0.12 -8.86
CA THR A 416 20.03 -1.27 -8.77
C THR A 416 19.88 -1.99 -10.11
N PRO A 417 20.89 -2.81 -10.50
CA PRO A 417 20.77 -3.65 -11.68
C PRO A 417 19.81 -4.82 -11.49
N ARG A 418 19.33 -5.05 -10.27
CA ARG A 418 18.36 -6.15 -10.01
C ARG A 418 16.95 -5.81 -10.47
N ILE A 419 16.70 -4.58 -10.88
CA ILE A 419 15.35 -4.16 -11.34
C ILE A 419 15.47 -3.57 -12.73
N ASP A 420 14.57 -3.99 -13.59
CA ASP A 420 14.33 -3.33 -14.88
C ASP A 420 13.37 -2.19 -14.62
N TYR A 421 13.89 -0.99 -14.46
CA TYR A 421 13.07 0.14 -14.04
C TYR A 421 11.98 0.45 -15.08
N GLY A 422 12.19 0.11 -16.36
CA GLY A 422 11.15 0.35 -17.37
C GLY A 422 9.98 -0.60 -17.24
N GLN A 423 10.18 -1.76 -16.66
CA GLN A 423 9.14 -2.78 -16.51
C GLN A 423 8.62 -2.86 -15.08
N LEU A 424 9.20 -2.12 -14.14
CA LEU A 424 8.83 -2.22 -12.71
C LEU A 424 7.37 -1.90 -12.53
N GLN A 425 6.70 -2.78 -11.81
CA GLN A 425 5.30 -2.60 -11.36
C GLN A 425 5.26 -2.91 -9.88
N LEU A 426 4.56 -2.09 -9.14
CA LEU A 426 4.45 -2.23 -7.67
C LEU A 426 2.97 -2.33 -7.30
N SER A 427 2.62 -3.24 -6.41
CA SER A 427 1.29 -3.31 -5.81
C SER A 427 1.09 -2.15 -4.84
N THR A 428 -0.11 -2.05 -4.27
CA THR A 428 -0.35 -0.95 -3.32
C THR A 428 0.42 -1.15 -2.01
N GLU A 429 0.95 -2.36 -1.80
CA GLU A 429 1.80 -2.72 -0.67
C GLU A 429 3.27 -2.74 -1.10
N ALA A 430 3.55 -2.19 -2.27
CA ALA A 430 4.90 -2.12 -2.87
C ALA A 430 5.45 -3.49 -3.21
N ASN A 431 4.62 -4.53 -3.30
CA ASN A 431 5.16 -5.81 -3.79
C ASN A 431 5.44 -5.68 -5.28
N VAL A 432 6.64 -6.05 -5.66
CA VAL A 432 7.05 -5.97 -7.05
C VAL A 432 6.42 -7.15 -7.82
N LEU A 433 5.59 -6.81 -8.79
CA LEU A 433 4.84 -7.78 -9.57
C LEU A 433 5.35 -7.85 -11.00
N ARG A 434 6.35 -7.07 -11.36
CA ARG A 434 7.02 -7.13 -12.66
C ARG A 434 8.29 -6.33 -12.53
N GLY A 435 9.34 -6.77 -13.24
CA GLY A 435 10.57 -5.97 -13.34
C GLY A 435 11.76 -6.58 -12.67
N PHE A 436 11.69 -7.78 -12.08
CA PHE A 436 12.92 -8.38 -11.51
C PHE A 436 13.87 -8.76 -12.65
N ARG A 437 15.16 -8.52 -12.43
CA ARG A 437 16.24 -9.02 -13.32
CA ARG A 437 16.26 -8.97 -13.33
C ARG A 437 17.11 -9.94 -12.49
N LYS A 438 16.90 -11.22 -12.65
CA LYS A 438 17.69 -12.25 -11.90
C LYS A 438 19.17 -12.24 -12.30
#